data_2PIO
#
_entry.id   2PIO
#
_cell.length_a   54.616
_cell.length_b   66.015
_cell.length_c   70.547
_cell.angle_alpha   90.00
_cell.angle_beta   90.00
_cell.angle_gamma   90.00
#
_symmetry.space_group_name_H-M   'P 21 21 21'
#
loop_
_entity.id
_entity.type
_entity.pdbx_description
1 polymer 'Androgen receptor'
2 non-polymer 'SULFATE ION'
3 non-polymer 5-ALPHA-DIHYDROTESTOSTERONE
4 non-polymer 2-METHYL-1H-INDOLE
5 water water
#
_entity_poly.entity_id   1
_entity_poly.type   'polypeptide(L)'
_entity_poly.pdbx_seq_one_letter_code
;CQPIFLNVLEAIEPGVVCAGHDNNQPDSFAALLSSLNELGERQLVHVVKWAKALPGFRNLHVDDQMAVIQYSWMGLMVFA
MGWRSFTNVNSRMLYFAPDLVFNEYRMHKSRMYSQCVRMRHLSQEFGWLQITPQEFLCMKALLLFSIIPVDGLKNQKFFD
ELRMNYIKELDRIIACKRKNPTSCSRRFYQLTKLLDSVQPIARELHQFTFDLLIKSHMVSVDFPEMMAEIISVQVPKILS
GKVKPIYFHTQ
;
_entity_poly.pdbx_strand_id   A
#
# COMPACT_ATOMS: atom_id res chain seq x y z
N PRO A 3 9.54 -19.43 14.10
CA PRO A 3 9.10 -18.10 13.60
C PRO A 3 7.58 -18.04 13.44
N ILE A 4 6.87 -18.14 14.55
CA ILE A 4 5.42 -18.10 14.55
C ILE A 4 4.84 -16.90 13.79
N PHE A 5 5.27 -15.71 14.16
CA PHE A 5 4.81 -14.49 13.52
C PHE A 5 4.98 -14.51 12.00
N LEU A 6 6.16 -14.94 11.55
CA LEU A 6 6.45 -15.02 10.12
C LEU A 6 5.56 -16.05 9.45
N ASN A 7 5.24 -17.13 10.17
CA ASN A 7 4.39 -18.17 9.62
C ASN A 7 3.02 -17.60 9.28
N VAL A 8 2.52 -16.74 10.16
CA VAL A 8 1.22 -16.13 9.94
C VAL A 8 1.18 -15.21 8.73
N LEU A 9 2.11 -14.24 8.66
CA LEU A 9 2.17 -13.30 7.55
C LEU A 9 2.25 -14.05 6.22
N GLU A 10 3.13 -15.04 6.18
CA GLU A 10 3.31 -15.87 4.98
C GLU A 10 1.99 -16.58 4.65
N ALA A 11 1.37 -17.17 5.66
CA ALA A 11 0.12 -17.90 5.50
C ALA A 11 -1.10 -17.07 5.09
N ILE A 12 -1.19 -15.82 5.54
CA ILE A 12 -2.34 -14.98 5.19
C ILE A 12 -2.13 -14.06 3.97
N GLU A 13 -0.92 -14.03 3.43
CA GLU A 13 -0.63 -13.17 2.28
C GLU A 13 -1.59 -13.46 1.12
N PRO A 14 -2.32 -12.43 0.65
CA PRO A 14 -3.28 -12.52 -0.46
C PRO A 14 -2.74 -13.14 -1.73
N GLY A 15 -3.62 -13.82 -2.47
CA GLY A 15 -3.22 -14.44 -3.71
C GLY A 15 -3.36 -13.47 -4.88
N VAL A 16 -3.12 -13.96 -6.09
CA VAL A 16 -3.21 -13.12 -7.29
C VAL A 16 -4.61 -12.57 -7.51
N VAL A 17 -4.71 -11.28 -7.81
CA VAL A 17 -5.99 -10.63 -8.06
C VAL A 17 -5.96 -10.01 -9.46
N CYS A 18 -6.99 -10.27 -10.27
CA CYS A 18 -7.02 -9.71 -11.62
C CYS A 18 -7.85 -8.44 -11.65
N ALA A 19 -7.60 -7.61 -12.66
CA ALA A 19 -8.32 -6.35 -12.81
C ALA A 19 -9.54 -6.47 -13.70
N GLY A 20 -9.57 -7.49 -14.56
CA GLY A 20 -10.69 -7.67 -15.46
C GLY A 20 -10.60 -6.72 -16.65
N HIS A 21 -9.38 -6.32 -16.98
CA HIS A 21 -9.12 -5.40 -18.09
C HIS A 21 -9.12 -6.06 -19.47
N ASP A 22 -9.75 -5.40 -20.44
CA ASP A 22 -9.80 -5.90 -21.81
C ASP A 22 -8.57 -5.39 -22.54
N ASN A 23 -7.56 -6.25 -22.68
CA ASN A 23 -6.32 -5.86 -23.34
C ASN A 23 -6.35 -5.91 -24.86
N ASN A 24 -7.33 -6.62 -25.42
CA ASN A 24 -7.46 -6.70 -26.87
C ASN A 24 -8.17 -5.45 -27.36
N GLN A 25 -8.35 -4.49 -26.47
CA GLN A 25 -9.02 -3.23 -26.77
C GLN A 25 -7.99 -2.10 -26.66
N PRO A 26 -7.99 -1.17 -27.62
CA PRO A 26 -7.05 -0.05 -27.61
C PRO A 26 -7.07 0.68 -26.27
N ASP A 27 -5.90 1.11 -25.80
CA ASP A 27 -5.81 1.84 -24.55
C ASP A 27 -6.49 3.19 -24.62
N SER A 28 -7.07 3.59 -23.50
CA SER A 28 -7.75 4.87 -23.38
C SER A 28 -7.67 5.25 -21.91
N PHE A 29 -7.86 6.53 -21.61
CA PHE A 29 -7.83 7.02 -20.24
C PHE A 29 -8.98 6.40 -19.46
N ALA A 30 -10.19 6.54 -20.00
CA ALA A 30 -11.37 6.00 -19.34
C ALA A 30 -11.26 4.52 -18.99
N ALA A 31 -10.86 3.69 -19.95
CA ALA A 31 -10.73 2.24 -19.71
C ALA A 31 -9.66 1.86 -18.69
N LEU A 32 -8.47 2.44 -18.82
CA LEU A 32 -7.37 2.15 -17.90
C LEU A 32 -7.70 2.52 -16.45
N LEU A 33 -8.16 3.75 -16.24
CA LEU A 33 -8.51 4.20 -14.90
C LEU A 33 -9.70 3.44 -14.36
N SER A 34 -10.65 3.11 -15.22
CA SER A 34 -11.80 2.34 -14.77
C SER A 34 -11.33 0.95 -14.33
N SER A 35 -10.35 0.40 -15.05
CA SER A 35 -9.82 -0.92 -14.69
C SER A 35 -9.03 -0.85 -13.37
N LEU A 36 -8.22 0.19 -13.21
CA LEU A 36 -7.43 0.34 -11.99
C LEU A 36 -8.36 0.46 -10.79
N ASN A 37 -9.47 1.17 -10.99
CA ASN A 37 -10.47 1.37 -9.94
C ASN A 37 -11.14 0.07 -9.53
N GLU A 38 -11.50 -0.73 -10.53
CA GLU A 38 -12.15 -2.02 -10.31
C GLU A 38 -11.16 -2.88 -9.54
N LEU A 39 -9.90 -2.79 -9.91
CA LEU A 39 -8.84 -3.53 -9.27
C LEU A 39 -8.75 -3.10 -7.80
N GLY A 40 -9.03 -1.83 -7.55
CA GLY A 40 -9.00 -1.32 -6.17
C GLY A 40 -10.12 -1.95 -5.36
N GLU A 41 -11.32 -1.97 -5.94
CA GLU A 41 -12.47 -2.57 -5.28
C GLU A 41 -12.13 -4.03 -4.97
N ARG A 42 -11.70 -4.78 -5.98
CA ARG A 42 -11.35 -6.18 -5.78
C ARG A 42 -10.25 -6.35 -4.72
N GLN A 43 -9.19 -5.56 -4.82
CA GLN A 43 -8.09 -5.63 -3.86
C GLN A 43 -8.51 -5.26 -2.44
N LEU A 44 -9.36 -4.26 -2.30
CA LEU A 44 -9.82 -3.83 -0.98
C LEU A 44 -10.37 -5.03 -0.21
N VAL A 45 -11.20 -5.81 -0.89
CA VAL A 45 -11.80 -7.01 -0.32
C VAL A 45 -10.74 -7.94 0.28
N HIS A 46 -9.67 -8.19 -0.47
CA HIS A 46 -8.60 -9.06 0.01
C HIS A 46 -7.84 -8.43 1.17
N VAL A 47 -7.58 -7.12 1.06
CA VAL A 47 -6.86 -6.40 2.10
C VAL A 47 -7.62 -6.45 3.44
N VAL A 48 -8.95 -6.33 3.38
CA VAL A 48 -9.76 -6.39 4.60
C VAL A 48 -9.65 -7.77 5.26
N LYS A 49 -9.79 -8.83 4.47
CA LYS A 49 -9.70 -10.20 4.99
C LYS A 49 -8.27 -10.47 5.50
N TRP A 50 -7.28 -9.86 4.84
CA TRP A 50 -5.88 -10.01 5.22
C TRP A 50 -5.65 -9.35 6.60
N ALA A 51 -6.04 -8.09 6.73
CA ALA A 51 -5.89 -7.32 7.96
C ALA A 51 -6.56 -7.97 9.17
N LYS A 52 -7.80 -8.41 9.00
CA LYS A 52 -8.53 -9.04 10.11
C LYS A 52 -7.86 -10.32 10.62
N ALA A 53 -7.00 -10.89 9.79
CA ALA A 53 -6.27 -12.11 10.13
C ALA A 53 -4.86 -11.86 10.69
N LEU A 54 -4.42 -10.60 10.73
CA LEU A 54 -3.09 -10.30 11.27
C LEU A 54 -3.05 -10.48 12.80
N PRO A 55 -1.88 -10.86 13.35
CA PRO A 55 -1.73 -11.05 14.80
C PRO A 55 -2.12 -9.82 15.61
N GLY A 56 -3.04 -10.03 16.54
CA GLY A 56 -3.49 -8.95 17.41
C GLY A 56 -4.36 -7.88 16.80
N PHE A 57 -4.67 -7.97 15.50
CA PHE A 57 -5.50 -6.95 14.87
C PHE A 57 -6.86 -6.82 15.54
N ARG A 58 -7.40 -7.96 15.96
CA ARG A 58 -8.70 -7.97 16.61
C ARG A 58 -8.71 -7.27 17.97
N ASN A 59 -7.54 -6.91 18.47
CA ASN A 59 -7.49 -6.22 19.75
C ASN A 59 -8.05 -4.82 19.54
N LEU A 60 -7.80 -4.25 18.37
CA LEU A 60 -8.26 -2.91 18.06
C LEU A 60 -9.77 -2.82 18.18
N HIS A 61 -10.26 -1.64 18.54
CA HIS A 61 -11.69 -1.41 18.64
C HIS A 61 -12.18 -1.55 17.20
N VAL A 62 -13.42 -2.01 17.02
CA VAL A 62 -13.98 -2.22 15.69
C VAL A 62 -13.94 -1.00 14.79
N ASP A 63 -14.18 0.17 15.36
CA ASP A 63 -14.17 1.38 14.55
C ASP A 63 -12.76 1.74 14.11
N ASP A 64 -11.77 1.40 14.94
CA ASP A 64 -10.38 1.68 14.61
C ASP A 64 -9.85 0.69 13.58
N GLN A 65 -10.42 -0.52 13.58
CA GLN A 65 -10.02 -1.56 12.62
C GLN A 65 -10.38 -1.10 11.22
N MET A 66 -11.61 -0.62 11.07
CA MET A 66 -12.07 -0.13 9.79
C MET A 66 -11.31 1.12 9.38
N ALA A 67 -11.03 1.97 10.37
CA ALA A 67 -10.32 3.22 10.14
C ALA A 67 -8.91 3.04 9.57
N VAL A 68 -8.07 2.24 10.24
CA VAL A 68 -6.71 2.05 9.75
C VAL A 68 -6.69 1.45 8.34
N ILE A 69 -7.66 0.61 8.04
CA ILE A 69 -7.74 0.00 6.72
C ILE A 69 -8.19 1.07 5.71
N GLN A 70 -9.21 1.84 6.07
CA GLN A 70 -9.70 2.89 5.19
C GLN A 70 -8.68 3.99 4.92
N TYR A 71 -7.73 4.19 5.81
CA TYR A 71 -6.71 5.22 5.61
C TYR A 71 -5.45 4.66 4.99
N SER A 72 -5.17 3.39 5.23
CA SER A 72 -3.93 2.82 4.70
C SER A 72 -3.98 1.97 3.45
N TRP A 73 -5.17 1.70 2.90
CA TRP A 73 -5.22 0.84 1.71
C TRP A 73 -4.33 1.30 0.56
N MET A 74 -4.29 2.60 0.28
CA MET A 74 -3.47 3.10 -0.81
C MET A 74 -2.01 2.68 -0.66
N GLY A 75 -1.39 3.02 0.47
CA GLY A 75 -0.01 2.68 0.68
C GLY A 75 0.21 1.17 0.66
N LEU A 76 -0.69 0.43 1.30
CA LEU A 76 -0.59 -1.02 1.34
C LEU A 76 -0.53 -1.58 -0.07
N MET A 77 -1.54 -1.21 -0.87
CA MET A 77 -1.65 -1.67 -2.26
C MET A 77 -0.49 -1.24 -3.14
N VAL A 78 -0.05 0.00 -2.98
CA VAL A 78 1.05 0.51 -3.78
C VAL A 78 2.35 -0.23 -3.44
N PHE A 79 2.55 -0.49 -2.16
CA PHE A 79 3.75 -1.18 -1.69
C PHE A 79 3.79 -2.63 -2.17
N ALA A 80 2.65 -3.31 -2.18
CA ALA A 80 2.61 -4.68 -2.65
C ALA A 80 2.76 -4.69 -4.17
N MET A 81 2.20 -3.67 -4.83
CA MET A 81 2.26 -3.57 -6.28
C MET A 81 3.73 -3.42 -6.69
N GLY A 82 4.47 -2.61 -5.94
CA GLY A 82 5.87 -2.39 -6.23
C GLY A 82 6.63 -3.71 -6.13
N TRP A 83 6.28 -4.50 -5.12
CA TRP A 83 6.92 -5.78 -4.91
C TRP A 83 6.68 -6.72 -6.09
N ARG A 84 5.43 -6.83 -6.53
CA ARG A 84 5.10 -7.68 -7.68
C ARG A 84 5.87 -7.24 -8.92
N SER A 85 5.97 -5.93 -9.11
CA SER A 85 6.68 -5.37 -10.25
C SER A 85 8.15 -5.77 -10.18
N PHE A 86 8.71 -5.76 -8.98
CA PHE A 86 10.11 -6.14 -8.80
C PHE A 86 10.34 -7.63 -9.05
N THR A 87 9.51 -8.48 -8.45
CA THR A 87 9.66 -9.92 -8.58
C THR A 87 9.25 -10.50 -9.94
N ASN A 88 8.25 -9.88 -10.56
CA ASN A 88 7.76 -10.34 -11.85
C ASN A 88 8.52 -9.80 -13.06
N VAL A 89 8.79 -8.50 -13.08
CA VAL A 89 9.49 -7.89 -14.19
C VAL A 89 10.66 -6.99 -13.80
N ASN A 90 11.27 -7.30 -12.65
CA ASN A 90 12.40 -6.51 -12.15
C ASN A 90 12.17 -5.02 -12.31
N SER A 91 10.96 -4.58 -11.97
CA SER A 91 10.60 -3.16 -12.03
C SER A 91 10.59 -2.56 -13.44
N ARG A 92 10.59 -3.42 -14.47
CA ARG A 92 10.58 -2.92 -15.84
C ARG A 92 9.28 -2.18 -16.13
N MET A 93 8.20 -2.66 -15.54
CA MET A 93 6.88 -2.04 -15.72
C MET A 93 6.14 -2.14 -14.41
N LEU A 94 5.00 -1.47 -14.31
CA LEU A 94 4.20 -1.55 -13.09
C LEU A 94 3.22 -2.68 -13.29
N TYR A 95 3.41 -3.74 -12.50
CA TYR A 95 2.58 -4.94 -12.56
C TYR A 95 1.43 -4.80 -11.56
N PHE A 96 0.39 -4.08 -11.94
CA PHE A 96 -0.77 -3.89 -11.09
C PHE A 96 -1.50 -5.23 -10.91
N ALA A 97 -1.65 -5.96 -12.02
CA ALA A 97 -2.32 -7.25 -12.04
C ALA A 97 -1.88 -8.01 -13.30
N PRO A 98 -2.17 -9.32 -13.37
CA PRO A 98 -1.80 -10.14 -14.52
C PRO A 98 -2.28 -9.55 -15.82
N ASP A 99 -3.53 -9.06 -15.81
CA ASP A 99 -4.14 -8.47 -16.97
C ASP A 99 -4.04 -6.94 -16.99
N LEU A 100 -3.16 -6.39 -16.16
CA LEU A 100 -2.97 -4.95 -16.15
C LEU A 100 -1.54 -4.56 -15.81
N VAL A 101 -0.68 -4.70 -16.81
CA VAL A 101 0.73 -4.36 -16.68
C VAL A 101 0.93 -3.04 -17.40
N PHE A 102 1.46 -2.04 -16.69
CA PHE A 102 1.70 -0.75 -17.28
C PHE A 102 3.10 -0.58 -17.86
N ASN A 103 3.16 -0.27 -19.15
CA ASN A 103 4.42 0.01 -19.81
C ASN A 103 4.48 1.55 -19.88
N GLU A 104 5.54 2.13 -20.42
CA GLU A 104 5.65 3.60 -20.51
C GLU A 104 4.48 4.23 -21.24
N TYR A 105 3.99 3.56 -22.28
CA TYR A 105 2.85 4.09 -23.03
C TYR A 105 1.63 4.26 -22.12
N ARG A 106 1.30 3.21 -21.37
CA ARG A 106 0.16 3.27 -20.45
C ARG A 106 0.39 4.26 -19.30
N MET A 107 1.64 4.32 -18.82
CA MET A 107 1.96 5.24 -17.75
C MET A 107 1.56 6.65 -18.20
N HIS A 108 1.86 6.95 -19.46
CA HIS A 108 1.53 8.24 -20.06
C HIS A 108 0.04 8.38 -20.34
N LYS A 109 -0.55 7.34 -20.90
CA LYS A 109 -1.97 7.33 -21.26
C LYS A 109 -2.89 7.42 -20.04
N SER A 110 -2.37 7.06 -18.87
CA SER A 110 -3.11 7.09 -17.62
C SER A 110 -3.20 8.51 -17.06
N ARG A 111 -2.46 9.44 -17.67
CA ARG A 111 -2.43 10.82 -17.23
C ARG A 111 -1.91 10.96 -15.79
N MET A 112 -1.18 9.93 -15.35
CA MET A 112 -0.57 9.95 -14.03
C MET A 112 0.83 9.37 -14.16
N TYR A 113 1.54 9.82 -15.19
CA TYR A 113 2.89 9.37 -15.48
C TYR A 113 3.86 9.67 -14.36
N SER A 114 3.82 10.88 -13.83
CA SER A 114 4.73 11.24 -12.73
C SER A 114 4.53 10.33 -11.52
N GLN A 115 3.27 10.02 -11.21
CA GLN A 115 2.98 9.16 -10.09
C GLN A 115 3.51 7.76 -10.38
N CYS A 116 3.33 7.28 -11.61
CA CYS A 116 3.80 5.97 -12.00
C CYS A 116 5.32 5.89 -11.85
N VAL A 117 6.01 6.94 -12.25
CA VAL A 117 7.47 6.98 -12.13
C VAL A 117 7.83 6.82 -10.66
N ARG A 118 7.07 7.50 -9.82
CA ARG A 118 7.27 7.44 -8.39
C ARG A 118 7.17 5.98 -7.94
N MET A 119 6.11 5.31 -8.38
CA MET A 119 5.89 3.92 -8.01
C MET A 119 6.93 2.96 -8.58
N ARG A 120 7.43 3.21 -9.78
CA ARG A 120 8.44 2.33 -10.33
C ARG A 120 9.74 2.49 -9.57
N HIS A 121 10.00 3.70 -9.10
CA HIS A 121 11.22 4.00 -8.34
C HIS A 121 11.18 3.23 -7.01
N LEU A 122 9.98 3.12 -6.43
CA LEU A 122 9.82 2.37 -5.19
C LEU A 122 10.12 0.91 -5.46
N SER A 123 9.62 0.42 -6.60
CA SER A 123 9.84 -0.97 -7.00
C SER A 123 11.34 -1.22 -7.13
N GLN A 124 12.04 -0.26 -7.72
CA GLN A 124 13.48 -0.39 -7.90
C GLN A 124 14.21 -0.56 -6.56
N GLU A 125 13.75 0.14 -5.54
CA GLU A 125 14.36 0.07 -4.22
C GLU A 125 14.40 -1.37 -3.69
N PHE A 126 13.37 -2.15 -3.98
CA PHE A 126 13.34 -3.54 -3.51
C PHE A 126 14.56 -4.29 -4.00
N GLY A 127 15.01 -3.93 -5.20
CA GLY A 127 16.19 -4.56 -5.76
C GLY A 127 17.45 -3.94 -5.20
N TRP A 128 17.53 -2.61 -5.23
CA TRP A 128 18.71 -1.90 -4.74
C TRP A 128 19.06 -2.20 -3.28
N LEU A 129 18.05 -2.46 -2.46
CA LEU A 129 18.27 -2.77 -1.05
C LEU A 129 18.29 -4.27 -0.81
N GLN A 130 18.06 -5.05 -1.86
CA GLN A 130 18.01 -6.51 -1.75
C GLN A 130 17.03 -6.90 -0.64
N ILE A 131 15.81 -6.40 -0.75
CA ILE A 131 14.76 -6.69 0.22
C ILE A 131 14.33 -8.17 0.16
N THR A 132 14.21 -8.80 1.32
CA THR A 132 13.79 -10.20 1.39
C THR A 132 12.26 -10.32 1.42
N PRO A 133 11.71 -11.47 0.99
CA PRO A 133 10.27 -11.68 0.99
C PRO A 133 9.66 -11.51 2.38
N GLN A 134 10.44 -11.86 3.40
CA GLN A 134 10.03 -11.76 4.80
C GLN A 134 10.08 -10.31 5.29
N GLU A 135 11.14 -9.57 4.92
CA GLU A 135 11.22 -8.17 5.32
C GLU A 135 10.05 -7.46 4.64
N PHE A 136 9.80 -7.84 3.39
CA PHE A 136 8.70 -7.25 2.64
C PHE A 136 7.40 -7.47 3.42
N LEU A 137 7.13 -8.72 3.77
CA LEU A 137 5.94 -9.08 4.52
C LEU A 137 5.82 -8.30 5.84
N CYS A 138 6.92 -8.18 6.56
CA CYS A 138 6.86 -7.45 7.82
C CYS A 138 6.67 -5.96 7.62
N MET A 139 7.30 -5.40 6.59
CA MET A 139 7.14 -3.97 6.32
C MET A 139 5.72 -3.66 5.90
N LYS A 140 5.13 -4.55 5.10
CA LYS A 140 3.75 -4.34 4.64
C LYS A 140 2.76 -4.34 5.80
N ALA A 141 2.90 -5.30 6.70
CA ALA A 141 2.02 -5.36 7.86
C ALA A 141 2.14 -4.03 8.63
N LEU A 142 3.37 -3.55 8.77
CA LEU A 142 3.62 -2.32 9.48
C LEU A 142 2.96 -1.10 8.82
N LEU A 143 2.78 -1.18 7.49
CA LEU A 143 2.15 -0.08 6.75
C LEU A 143 0.68 0.12 7.13
N LEU A 144 -0.01 -0.95 7.51
CA LEU A 144 -1.41 -0.84 7.91
C LEU A 144 -1.57 0.03 9.18
N PHE A 145 -0.51 0.11 9.97
CA PHE A 145 -0.53 0.90 11.21
C PHE A 145 0.37 2.13 11.09
N SER A 146 0.40 2.74 9.91
CA SER A 146 1.25 3.90 9.72
C SER A 146 0.54 5.20 9.35
N ILE A 147 -0.74 5.29 9.67
CA ILE A 147 -1.50 6.50 9.38
C ILE A 147 -2.74 6.58 10.26
N ILE A 148 -2.82 7.63 11.09
CA ILE A 148 -3.95 7.81 11.99
C ILE A 148 -4.39 9.26 12.11
N PRO A 149 -5.65 9.48 12.54
CA PRO A 149 -6.15 10.84 12.69
C PRO A 149 -5.38 11.58 13.75
N VAL A 150 -5.02 12.82 13.44
CA VAL A 150 -4.29 13.66 14.37
C VAL A 150 -4.96 13.67 15.75
N ASP A 151 -6.29 13.55 15.77
CA ASP A 151 -7.08 13.52 17.02
C ASP A 151 -6.99 12.18 17.75
N GLY A 152 -6.27 11.23 17.15
CA GLY A 152 -6.13 9.92 17.76
C GLY A 152 -7.24 8.97 17.37
N LEU A 153 -7.15 7.72 17.83
CA LEU A 153 -8.14 6.70 17.53
C LEU A 153 -9.07 6.48 18.72
N LYS A 154 -10.14 5.71 18.51
CA LYS A 154 -11.10 5.43 19.58
C LYS A 154 -10.36 4.87 20.79
N ASN A 155 -9.49 3.91 20.52
CA ASN A 155 -8.69 3.28 21.56
C ASN A 155 -7.22 3.30 21.14
N GLN A 156 -6.64 4.48 21.10
CA GLN A 156 -5.24 4.67 20.71
C GLN A 156 -4.27 3.73 21.43
N LYS A 157 -4.53 3.47 22.70
CA LYS A 157 -3.67 2.61 23.49
C LYS A 157 -3.39 1.22 22.88
N PHE A 158 -4.42 0.57 22.34
CA PHE A 158 -4.24 -0.75 21.74
C PHE A 158 -3.43 -0.65 20.45
N PHE A 159 -3.76 0.37 19.66
CA PHE A 159 -3.10 0.61 18.40
C PHE A 159 -1.60 0.81 18.63
N ASP A 160 -1.27 1.66 19.61
CA ASP A 160 0.11 1.94 19.94
C ASP A 160 0.86 0.68 20.33
N GLU A 161 0.20 -0.20 21.07
CA GLU A 161 0.81 -1.45 21.51
C GLU A 161 1.06 -2.35 20.30
N LEU A 162 0.08 -2.38 19.41
CA LEU A 162 0.15 -3.18 18.19
C LEU A 162 1.28 -2.72 17.27
N ARG A 163 1.41 -1.41 17.09
CA ARG A 163 2.44 -0.85 16.23
C ARG A 163 3.83 -1.15 16.79
N MET A 164 3.93 -1.05 18.11
CA MET A 164 5.18 -1.33 18.78
C MET A 164 5.60 -2.78 18.58
N ASN A 165 4.64 -3.69 18.55
CA ASN A 165 4.94 -5.10 18.39
C ASN A 165 5.36 -5.42 16.96
N TYR A 166 4.70 -4.81 15.98
CA TYR A 166 5.08 -5.07 14.60
C TYR A 166 6.44 -4.50 14.29
N ILE A 167 6.81 -3.40 14.96
CA ILE A 167 8.13 -2.81 14.75
C ILE A 167 9.15 -3.76 15.38
N LYS A 168 8.78 -4.32 16.53
CA LYS A 168 9.65 -5.26 17.25
C LYS A 168 9.92 -6.49 16.39
N GLU A 169 8.92 -6.90 15.61
CA GLU A 169 9.06 -8.06 14.75
C GLU A 169 10.02 -7.76 13.59
N LEU A 170 9.96 -6.53 13.08
CA LEU A 170 10.83 -6.13 11.98
C LEU A 170 12.28 -6.18 12.41
N ASP A 171 12.54 -5.82 13.67
CA ASP A 171 13.88 -5.83 14.22
C ASP A 171 14.34 -7.28 14.32
N ARG A 172 13.42 -8.16 14.73
CA ARG A 172 13.70 -9.57 14.87
C ARG A 172 14.15 -10.12 13.52
N ILE A 173 13.34 -9.87 12.49
CA ILE A 173 13.65 -10.32 11.15
C ILE A 173 15.05 -9.84 10.74
N ILE A 174 15.32 -8.56 10.98
CA ILE A 174 16.62 -7.99 10.65
C ILE A 174 17.74 -8.64 11.48
N ALA A 175 17.47 -8.83 12.77
CA ALA A 175 18.45 -9.42 13.68
C ALA A 175 18.82 -10.85 13.34
N CYS A 176 17.82 -11.65 12.97
CA CYS A 176 18.06 -13.05 12.62
C CYS A 176 18.89 -13.15 11.35
N LYS A 177 19.55 -14.30 11.18
CA LYS A 177 20.38 -14.54 10.00
C LYS A 177 21.42 -13.43 9.80
N ARG A 178 21.63 -12.64 10.85
CA ARG A 178 22.60 -11.54 10.79
C ARG A 178 23.56 -11.70 11.97
N LYS A 179 24.60 -10.87 12.01
CA LYS A 179 25.59 -10.95 13.08
C LYS A 179 26.11 -9.59 13.54
N ASN A 180 26.57 -8.80 12.58
CA ASN A 180 27.12 -7.48 12.86
C ASN A 180 26.06 -6.52 13.41
N PRO A 181 26.28 -5.99 14.62
CA PRO A 181 25.34 -5.05 15.24
C PRO A 181 25.23 -3.74 14.46
N THR A 182 26.24 -3.47 13.64
CA THR A 182 26.28 -2.26 12.82
C THR A 182 25.40 -2.48 11.59
N SER A 183 25.26 -3.74 11.18
CA SER A 183 24.44 -4.09 10.03
C SER A 183 22.96 -4.00 10.42
N CYS A 184 22.64 -4.48 11.62
CA CYS A 184 21.27 -4.45 12.13
C CYS A 184 20.72 -3.02 12.13
N SER A 185 21.48 -2.10 12.71
CA SER A 185 21.07 -0.70 12.78
C SER A 185 20.99 -0.04 11.42
N ARG A 186 22.00 -0.28 10.58
CA ARG A 186 22.03 0.30 9.24
C ARG A 186 20.79 -0.21 8.49
N ARG A 187 20.60 -1.52 8.54
CA ARG A 187 19.47 -2.15 7.88
C ARG A 187 18.14 -1.58 8.34
N PHE A 188 17.98 -1.42 9.66
CA PHE A 188 16.73 -0.87 10.18
C PHE A 188 16.57 0.55 9.66
N TYR A 189 17.67 1.28 9.60
CA TYR A 189 17.64 2.65 9.10
C TYR A 189 17.08 2.66 7.68
N GLN A 190 17.60 1.79 6.83
CA GLN A 190 17.18 1.72 5.44
C GLN A 190 15.72 1.30 5.23
N LEU A 191 15.27 0.33 6.02
CA LEU A 191 13.90 -0.15 5.89
C LEU A 191 12.89 0.89 6.35
N THR A 192 13.24 1.64 7.40
CA THR A 192 12.35 2.68 7.90
C THR A 192 12.33 3.83 6.89
N LYS A 193 13.49 4.10 6.29
CA LYS A 193 13.59 5.14 5.26
C LYS A 193 12.70 4.72 4.11
N LEU A 194 12.75 3.44 3.77
CA LEU A 194 11.93 2.93 2.68
C LEU A 194 10.45 3.03 3.01
N LEU A 195 10.08 2.62 4.22
CA LEU A 195 8.68 2.68 4.64
C LEU A 195 8.15 4.11 4.53
N ASP A 196 8.93 5.09 4.98
CA ASP A 196 8.53 6.49 4.90
C ASP A 196 8.34 6.96 3.46
N SER A 197 9.15 6.44 2.56
CA SER A 197 9.07 6.83 1.15
C SER A 197 7.76 6.43 0.50
N VAL A 198 7.00 5.58 1.17
CA VAL A 198 5.72 5.13 0.65
C VAL A 198 4.63 6.18 0.83
N GLN A 199 4.69 6.91 1.93
CA GLN A 199 3.68 7.93 2.23
C GLN A 199 3.52 9.08 1.21
N PRO A 200 4.62 9.66 0.73
CA PRO A 200 4.49 10.75 -0.24
C PRO A 200 3.86 10.26 -1.56
N ILE A 201 4.15 9.00 -1.92
CA ILE A 201 3.60 8.41 -3.14
C ILE A 201 2.09 8.20 -2.92
N ALA A 202 1.72 7.67 -1.75
CA ALA A 202 0.32 7.46 -1.41
C ALA A 202 -0.45 8.80 -1.41
N ARG A 203 0.18 9.82 -0.83
CA ARG A 203 -0.38 11.16 -0.77
C ARG A 203 -0.67 11.68 -2.19
N GLU A 204 0.29 11.51 -3.11
CA GLU A 204 0.10 11.97 -4.47
C GLU A 204 -1.06 11.21 -5.13
N LEU A 205 -1.15 9.91 -4.87
CA LEU A 205 -2.22 9.13 -5.44
C LEU A 205 -3.58 9.51 -4.86
N HIS A 206 -3.62 9.82 -3.56
CA HIS A 206 -4.87 10.24 -2.91
C HIS A 206 -5.38 11.50 -3.58
N GLN A 207 -4.48 12.46 -3.78
CA GLN A 207 -4.87 13.71 -4.42
C GLN A 207 -5.40 13.46 -5.84
N PHE A 208 -4.70 12.60 -6.57
CA PHE A 208 -5.10 12.26 -7.94
C PHE A 208 -6.45 11.56 -8.02
N THR A 209 -6.65 10.51 -7.23
CA THR A 209 -7.93 9.80 -7.28
C THR A 209 -9.07 10.68 -6.80
N PHE A 210 -8.79 11.58 -5.85
CA PHE A 210 -9.82 12.49 -5.35
C PHE A 210 -10.32 13.37 -6.49
N ASP A 211 -9.39 14.03 -7.17
CA ASP A 211 -9.76 14.89 -8.28
C ASP A 211 -10.44 14.08 -9.36
N LEU A 212 -10.01 12.83 -9.53
CA LEU A 212 -10.61 11.96 -10.53
C LEU A 212 -12.07 11.65 -10.20
N LEU A 213 -12.35 11.39 -8.92
CA LEU A 213 -13.71 11.08 -8.50
C LEU A 213 -14.62 12.30 -8.74
N ILE A 214 -14.08 13.48 -8.46
CA ILE A 214 -14.84 14.71 -8.65
C ILE A 214 -15.21 14.91 -10.12
N LYS A 215 -14.25 14.76 -11.01
CA LYS A 215 -14.52 14.94 -12.43
C LYS A 215 -14.75 13.62 -13.17
N SER A 216 -14.93 12.54 -12.43
CA SER A 216 -15.14 11.23 -13.05
C SER A 216 -16.25 11.22 -14.11
N HIS A 217 -17.39 11.83 -13.79
CA HIS A 217 -18.52 11.88 -14.71
C HIS A 217 -18.16 12.51 -16.07
N MET A 218 -17.23 13.45 -16.06
CA MET A 218 -16.83 14.13 -17.29
C MET A 218 -15.82 13.32 -18.12
N VAL A 219 -14.88 12.68 -17.44
CA VAL A 219 -13.87 11.89 -18.11
C VAL A 219 -14.31 10.45 -18.39
N SER A 220 -15.54 10.13 -18.01
CA SER A 220 -16.10 8.80 -18.23
C SER A 220 -15.39 7.68 -17.48
N VAL A 221 -14.87 8.01 -16.30
CA VAL A 221 -14.20 7.02 -15.46
C VAL A 221 -15.19 6.47 -14.44
N ASP A 222 -15.14 5.16 -14.22
CA ASP A 222 -16.02 4.52 -13.26
C ASP A 222 -15.35 4.23 -11.92
N PHE A 223 -16.09 4.43 -10.84
CA PHE A 223 -15.62 4.16 -9.49
C PHE A 223 -16.65 3.22 -8.85
N PRO A 224 -16.20 2.05 -8.39
CA PRO A 224 -17.12 1.09 -7.76
C PRO A 224 -17.62 1.68 -6.45
N GLU A 225 -18.64 1.06 -5.88
CA GLU A 225 -19.25 1.50 -4.61
C GLU A 225 -18.29 1.89 -3.49
N MET A 226 -17.54 0.91 -3.00
CA MET A 226 -16.61 1.14 -1.90
C MET A 226 -15.53 2.17 -2.20
N MET A 227 -15.08 2.22 -3.45
CA MET A 227 -14.06 3.17 -3.86
C MET A 227 -14.61 4.59 -3.81
N ALA A 228 -15.82 4.77 -4.32
CA ALA A 228 -16.46 6.07 -4.34
C ALA A 228 -16.75 6.55 -2.92
N GLU A 229 -17.17 5.63 -2.07
CA GLU A 229 -17.49 5.98 -0.70
C GLU A 229 -16.24 6.37 0.10
N ILE A 230 -15.22 5.51 0.04
CA ILE A 230 -13.98 5.74 0.77
C ILE A 230 -13.20 6.98 0.31
N ILE A 231 -13.15 7.20 -0.99
CA ILE A 231 -12.43 8.35 -1.52
C ILE A 231 -13.15 9.67 -1.28
N SER A 232 -14.44 9.61 -1.02
CA SER A 232 -15.19 10.85 -0.78
C SER A 232 -15.34 11.14 0.72
N VAL A 233 -15.28 10.10 1.54
CA VAL A 233 -15.43 10.27 2.97
C VAL A 233 -14.13 10.20 3.77
N GLN A 234 -13.30 9.21 3.48
CA GLN A 234 -12.03 9.02 4.20
C GLN A 234 -10.81 9.76 3.65
N VAL A 235 -10.59 9.68 2.34
CA VAL A 235 -9.44 10.32 1.72
C VAL A 235 -9.40 11.83 2.00
N PRO A 236 -10.55 12.52 1.90
CA PRO A 236 -10.55 13.97 2.16
C PRO A 236 -10.01 14.29 3.56
N LYS A 237 -10.27 13.42 4.52
CA LYS A 237 -9.78 13.66 5.88
C LYS A 237 -8.25 13.66 5.90
N ILE A 238 -7.65 12.92 4.97
CA ILE A 238 -6.19 12.87 4.91
C ILE A 238 -5.66 14.10 4.19
N LEU A 239 -6.25 14.40 3.04
CA LEU A 239 -5.83 15.53 2.25
C LEU A 239 -6.03 16.85 3.00
N SER A 240 -6.96 16.89 3.95
CA SER A 240 -7.23 18.10 4.73
C SER A 240 -6.38 18.20 6.01
N GLY A 241 -5.51 17.22 6.21
CA GLY A 241 -4.63 17.23 7.38
C GLY A 241 -5.20 16.71 8.68
N LYS A 242 -6.41 16.15 8.64
CA LYS A 242 -7.03 15.62 9.85
C LYS A 242 -6.49 14.23 10.18
N VAL A 243 -5.96 13.57 9.15
CA VAL A 243 -5.39 12.24 9.26
C VAL A 243 -4.03 12.29 8.57
N LYS A 244 -2.98 11.90 9.28
CA LYS A 244 -1.66 11.92 8.66
C LYS A 244 -0.82 10.69 8.92
N PRO A 245 0.21 10.48 8.07
CA PRO A 245 1.10 9.33 8.20
C PRO A 245 2.02 9.47 9.41
N ILE A 246 2.45 8.34 9.95
CA ILE A 246 3.38 8.34 11.05
C ILE A 246 4.73 8.06 10.42
N TYR A 247 5.63 9.02 10.47
CA TYR A 247 6.97 8.87 9.89
C TYR A 247 7.99 8.43 10.93
N PHE A 248 8.98 7.65 10.50
CA PHE A 248 10.03 7.22 11.38
C PHE A 248 11.03 8.36 11.51
N HIS A 249 11.38 8.94 10.36
CA HIS A 249 12.34 10.04 10.30
C HIS A 249 11.62 11.34 10.05
N THR A 250 12.25 12.44 10.47
CA THR A 250 11.67 13.77 10.30
C THR A 250 12.10 14.35 8.95
#